data_2Y2M
#
_entry.id   2Y2M
#
_cell.length_a   96.092
_cell.length_b   147.151
_cell.length_c   98.456
_cell.angle_alpha   90.00
_cell.angle_beta   90.00
_cell.angle_gamma   90.00
#
_symmetry.space_group_name_H-M   'C 2 2 21'
#
loop_
_entity.id
_entity.type
_entity.pdbx_description
1 polymer 'PENICILLIN-BINDING PROTEIN 1B'
2 non-polymer TRIHYDROXY-[(1S)-1-[(2-PROPAN-2-YLPHENYL)CARBONYLAMINO]ETHYL]BORON
3 non-polymer 'CHLORIDE ION'
4 non-polymer 'SODIUM ION'
5 water water
#
_entity_poly.entity_id   1
_entity_poly.type   'polypeptide(L)'
_entity_poly.pdbx_seq_one_letter_code
;DISSISEITYSDGTVIASIESDLLRQDFLPSGTVTGISRDYLYFTTLAEAQERMYDYLAQRDNVSAKELKNEATQKFYRD
LAAKEIENGGYKITTTIDQKIHSAMQSAVADYGYLLDDGTGRVEVGNVLMDNQTGAILGFVGGRNYQENQNNHAFDTKRS
PASTTKPLLAYGIAIDQGLMGSETILSNYPTNFANGNPIMYANSKGTGMMTLGEALNYSWNIPAYWTYRMLRENGVDVKG
YMEKMGYEIPEYGIESLPMGGGIEVTVAQHTNGYQTLANNGVYHQKHVISKIEAADGRVVYEYQDKPVQVYSKATATIMQ
GLLREVLSSRVTTTFKSNLTSLNPTLANADWIGKTGTTGQDENMWLMLSTPRLTLGGWIGHDDNHSLSQQAGYSNNSNYM
AHLVNAIQQASPSIWGNERFALDPSVVKSEVLKSTGQKPGKVSVEGKEVEVTGSTVTSYWANKSGAPATSYRFAIGGSDA
DYQNAWSSIVGSLP
;
_entity_poly.pdbx_strand_id   A
#
loop_
_chem_comp.id
_chem_comp.type
_chem_comp.name
_chem_comp.formula
CL non-polymer 'CHLORIDE ION' 'Cl -1'
E08 non-polymer TRIHYDROXY-[(1S)-1-[(2-PROPAN-2-YLPHENYL)CARBONYLAMINO]ETHYL]BORON 'C12 H19 B N O4 -1'
NA non-polymer 'SODIUM ION' 'Na 1'
#
# COMPACT_ATOMS: atom_id res chain seq x y z
N ILE A 5 -38.76 -6.34 -6.39
CA ILE A 5 -37.44 -6.71 -7.01
C ILE A 5 -36.26 -5.94 -6.40
N SER A 6 -35.20 -6.67 -6.07
CA SER A 6 -34.04 -6.06 -5.42
C SER A 6 -33.11 -5.43 -6.47
N GLU A 7 -32.49 -4.32 -6.10
CA GLU A 7 -31.61 -3.60 -7.03
C GLU A 7 -30.31 -3.33 -6.30
N ILE A 8 -29.21 -3.40 -7.06
CA ILE A 8 -27.94 -2.87 -6.64
C ILE A 8 -27.72 -1.54 -7.38
N THR A 9 -27.32 -0.51 -6.63
CA THR A 9 -27.17 0.82 -7.21
C THR A 9 -25.77 1.36 -7.08
N TYR A 10 -25.42 2.26 -8.00
CA TYR A 10 -24.23 3.09 -7.81
C TYR A 10 -24.45 4.04 -6.67
N SER A 11 -23.38 4.75 -6.29
CA SER A 11 -23.44 5.65 -5.17
CA SER A 11 -23.38 5.71 -5.20
C SER A 11 -24.52 6.72 -5.30
N ASP A 12 -24.79 7.16 -6.51
CA ASP A 12 -25.88 8.14 -6.69
C ASP A 12 -27.27 7.55 -6.88
N GLY A 13 -27.43 6.23 -6.71
CA GLY A 13 -28.80 5.65 -6.76
C GLY A 13 -29.16 5.08 -8.14
N THR A 14 -28.37 5.37 -9.16
CA THR A 14 -28.53 4.74 -10.49
C THR A 14 -28.41 3.23 -10.40
N VAL A 15 -29.39 2.53 -10.95
CA VAL A 15 -29.37 1.07 -10.81
C VAL A 15 -28.30 0.44 -11.67
N ILE A 16 -27.46 -0.39 -11.06
CA ILE A 16 -26.51 -1.25 -11.74
C ILE A 16 -27.23 -2.45 -12.34
N ALA A 17 -28.04 -3.15 -11.54
CA ALA A 17 -28.83 -4.26 -12.05
C ALA A 17 -29.93 -4.58 -11.05
N SER A 18 -31.00 -5.18 -11.57
CA SER A 18 -31.92 -6.04 -10.79
C SER A 18 -31.31 -7.41 -10.42
N ILE A 19 -31.79 -8.05 -9.36
CA ILE A 19 -31.17 -9.32 -8.94
C ILE A 19 -31.93 -10.58 -9.39
N SER A 38 -25.10 -7.38 -15.09
CA SER A 38 -25.29 -8.69 -14.48
C SER A 38 -24.26 -9.76 -14.92
N ARG A 39 -23.41 -9.42 -15.89
CA ARG A 39 -22.36 -10.34 -16.35
C ARG A 39 -20.99 -9.67 -16.22
N ASP A 40 -20.76 -9.01 -15.08
CA ASP A 40 -19.49 -8.41 -14.86
C ASP A 40 -19.08 -8.39 -13.39
N TYR A 41 -17.86 -7.94 -13.20
CA TYR A 41 -17.27 -7.99 -11.87
C TYR A 41 -18.11 -7.20 -10.91
N LEU A 42 -18.54 -6.04 -11.37
CA LEU A 42 -19.25 -5.11 -10.51
C LEU A 42 -20.47 -5.82 -9.88
N TYR A 43 -21.22 -6.53 -10.69
CA TYR A 43 -22.44 -7.18 -10.21
C TYR A 43 -22.07 -8.28 -9.21
N PHE A 44 -21.20 -9.21 -9.62
CA PHE A 44 -20.91 -10.34 -8.72
C PHE A 44 -20.18 -9.91 -7.43
N THR A 45 -19.28 -8.94 -7.53
CA THR A 45 -18.60 -8.41 -6.32
C THR A 45 -19.58 -7.79 -5.32
N THR A 46 -20.43 -6.90 -5.82
CA THR A 46 -21.32 -6.15 -4.91
C THR A 46 -22.41 -7.11 -4.37
N LEU A 47 -22.90 -8.01 -5.23
CA LEU A 47 -23.88 -9.01 -4.78
C LEU A 47 -23.25 -9.94 -3.71
N ALA A 48 -22.00 -10.40 -3.90
CA ALA A 48 -21.37 -11.30 -2.91
C ALA A 48 -21.29 -10.60 -1.56
N GLU A 49 -20.88 -9.32 -1.61
CA GLU A 49 -20.73 -8.58 -0.37
C GLU A 49 -22.10 -8.30 0.28
N ALA A 50 -23.09 -7.98 -0.53
CA ALA A 50 -24.46 -7.75 0.02
C ALA A 50 -24.99 -9.07 0.62
N GLN A 51 -24.70 -10.19 -0.02
CA GLN A 51 -25.11 -11.51 0.54
C GLN A 51 -24.50 -11.73 1.90
N GLU A 52 -23.21 -11.39 2.06
CA GLU A 52 -22.57 -11.55 3.38
C GLU A 52 -23.17 -10.66 4.48
N ARG A 53 -23.52 -9.44 4.10
CA ARG A 53 -24.17 -8.53 5.07
C ARG A 53 -25.61 -9.07 5.39
N MET A 54 -26.32 -9.55 4.37
CA MET A 54 -27.64 -10.15 4.59
C MET A 54 -27.55 -11.38 5.50
N TYR A 55 -26.50 -12.20 5.33
CA TYR A 55 -26.22 -13.38 6.21
C TYR A 55 -26.14 -12.91 7.68
N ASP A 56 -25.32 -11.90 7.95
CA ASP A 56 -25.16 -11.43 9.33
C ASP A 56 -26.49 -10.91 9.89
N TYR A 57 -27.21 -10.16 9.06
CA TYR A 57 -28.50 -9.57 9.46
C TYR A 57 -29.54 -10.64 9.79
N LEU A 58 -29.62 -11.67 8.93
CA LEU A 58 -30.64 -12.71 9.10
C LEU A 58 -30.34 -13.61 10.27
N ALA A 59 -29.05 -13.89 10.50
CA ALA A 59 -28.66 -14.71 11.63
C ALA A 59 -28.99 -14.00 12.92
N GLN A 60 -28.69 -12.71 12.96
CA GLN A 60 -28.96 -11.86 14.16
C GLN A 60 -30.50 -11.71 14.34
N ARG A 61 -31.22 -11.52 13.24
CA ARG A 61 -32.70 -11.38 13.30
C ARG A 61 -33.35 -12.64 13.90
N ASP A 62 -32.89 -13.82 13.45
CA ASP A 62 -33.42 -15.07 13.90
C ASP A 62 -32.79 -15.50 15.21
N ASN A 63 -31.98 -14.64 15.80
CA ASN A 63 -31.45 -14.95 17.12
C ASN A 63 -30.57 -16.20 17.06
N VAL A 64 -29.75 -16.31 16.03
CA VAL A 64 -28.85 -17.48 15.94
C VAL A 64 -27.48 -17.04 16.48
N SER A 65 -27.02 -17.66 17.56
CA SER A 65 -25.73 -17.25 18.20
C SER A 65 -24.51 -17.56 17.32
N ALA A 66 -23.41 -16.86 17.58
CA ALA A 66 -22.17 -17.13 16.87
C ALA A 66 -21.68 -18.56 17.13
N LYS A 67 -22.14 -19.15 18.24
CA LYS A 67 -21.90 -20.56 18.50
C LYS A 67 -22.72 -21.43 17.55
N GLU A 68 -24.02 -21.20 17.53
CA GLU A 68 -24.90 -21.92 16.62
C GLU A 68 -24.42 -21.80 15.16
N LEU A 69 -23.81 -20.65 14.82
CA LEU A 69 -23.33 -20.40 13.48
C LEU A 69 -22.09 -21.18 13.15
N LYS A 70 -21.47 -21.78 14.16
CA LYS A 70 -20.32 -22.66 13.94
C LYS A 70 -20.76 -23.97 13.25
N ASN A 71 -22.00 -24.35 13.49
CA ASN A 71 -22.54 -25.55 12.88
C ASN A 71 -22.56 -25.43 11.36
N GLU A 72 -21.89 -26.35 10.69
CA GLU A 72 -21.73 -26.24 9.24
C GLU A 72 -23.08 -26.22 8.49
N ALA A 73 -24.01 -27.11 8.88
CA ALA A 73 -25.33 -27.11 8.21
C ALA A 73 -26.16 -25.86 8.49
N THR A 74 -26.10 -25.31 9.70
CA THR A 74 -26.80 -24.05 9.99
C THR A 74 -26.20 -22.91 9.17
N GLN A 75 -24.89 -22.89 9.04
CA GLN A 75 -24.29 -21.89 8.24
C GLN A 75 -24.70 -21.97 6.76
N LYS A 76 -24.69 -23.18 6.20
CA LYS A 76 -25.03 -23.39 4.77
C LYS A 76 -26.46 -22.83 4.54
N PHE A 77 -27.37 -23.19 5.44
CA PHE A 77 -28.78 -22.74 5.37
C PHE A 77 -28.88 -21.20 5.38
N TYR A 78 -28.21 -20.55 6.33
CA TYR A 78 -28.18 -19.08 6.39
C TYR A 78 -27.57 -18.39 5.21
N ARG A 79 -26.49 -18.97 4.66
CA ARG A 79 -25.97 -18.47 3.39
C ARG A 79 -26.94 -18.56 2.21
N ASP A 80 -27.62 -19.69 2.11
CA ASP A 80 -28.70 -19.82 1.13
C ASP A 80 -29.84 -18.84 1.38
N LEU A 81 -30.25 -18.74 2.64
CA LEU A 81 -31.38 -17.87 2.97
C LEU A 81 -31.03 -16.44 2.54
N ALA A 82 -29.79 -16.03 2.84
CA ALA A 82 -29.34 -14.67 2.45
C ALA A 82 -29.43 -14.47 0.96
N ALA A 83 -28.90 -15.41 0.20
CA ALA A 83 -28.98 -15.27 -1.27
C ALA A 83 -30.42 -15.14 -1.76
N LYS A 84 -31.28 -16.05 -1.33
CA LYS A 84 -32.69 -16.05 -1.75
C LYS A 84 -33.43 -14.81 -1.31
N GLU A 85 -33.08 -14.33 -0.13
CA GLU A 85 -33.74 -13.14 0.44
C GLU A 85 -33.49 -11.91 -0.46
N ILE A 86 -32.27 -11.77 -0.96
CA ILE A 86 -32.02 -10.73 -1.96
C ILE A 86 -32.74 -11.01 -3.28
N GLU A 87 -32.60 -12.23 -3.79
CA GLU A 87 -33.32 -12.62 -5.01
C GLU A 87 -34.79 -12.31 -4.99
N ASN A 88 -35.45 -12.64 -3.89
CA ASN A 88 -36.90 -12.59 -3.82
C ASN A 88 -37.42 -11.32 -3.20
N GLY A 89 -36.61 -10.68 -2.35
CA GLY A 89 -37.06 -9.47 -1.65
C GLY A 89 -37.12 -8.29 -2.60
N GLY A 90 -37.21 -7.11 -1.99
CA GLY A 90 -37.26 -5.88 -2.76
C GLY A 90 -36.26 -4.89 -2.20
N TYR A 91 -35.08 -5.40 -1.88
CA TYR A 91 -34.09 -4.64 -1.17
C TYR A 91 -33.39 -3.66 -2.12
N LYS A 92 -32.92 -2.55 -1.57
CA LYS A 92 -32.08 -1.66 -2.32
C LYS A 92 -30.69 -1.68 -1.69
N ILE A 93 -29.71 -2.04 -2.50
CA ILE A 93 -28.34 -2.14 -2.05
C ILE A 93 -27.56 -0.97 -2.66
N THR A 94 -27.15 -0.02 -1.81
CA THR A 94 -26.44 1.17 -2.24
C THR A 94 -24.97 0.82 -2.14
N THR A 95 -24.29 0.89 -3.27
CA THR A 95 -22.83 0.66 -3.25
C THR A 95 -22.10 2.04 -3.16
N THR A 96 -20.79 1.97 -2.95
CA THR A 96 -19.95 3.15 -2.94
C THR A 96 -19.45 3.49 -4.33
N ILE A 97 -19.85 2.71 -5.33
CA ILE A 97 -19.22 2.77 -6.67
C ILE A 97 -19.72 3.97 -7.45
N ASP A 98 -18.79 4.73 -8.03
CA ASP A 98 -19.11 5.96 -8.79
C ASP A 98 -19.25 5.54 -10.25
N GLN A 99 -20.47 5.69 -10.82
CA GLN A 99 -20.78 5.10 -12.13
C GLN A 99 -19.77 5.58 -13.17
N LYS A 100 -19.64 6.91 -13.30
CA LYS A 100 -18.72 7.44 -14.32
C LYS A 100 -17.31 6.94 -14.17
N ILE A 101 -16.84 6.92 -12.92
CA ILE A 101 -15.46 6.57 -12.68
C ILE A 101 -15.26 5.07 -12.97
N HIS A 102 -16.08 4.24 -12.37
CA HIS A 102 -15.94 2.79 -12.59
C HIS A 102 -16.10 2.45 -14.08
N SER A 103 -17.06 3.09 -14.77
CA SER A 103 -17.20 2.91 -16.22
CA SER A 103 -17.19 2.89 -16.21
C SER A 103 -15.90 3.28 -16.96
N ALA A 104 -15.30 4.41 -16.58
CA ALA A 104 -14.02 4.83 -17.19
C ALA A 104 -12.93 3.87 -16.93
N MET A 105 -12.91 3.28 -15.73
CA MET A 105 -11.90 2.27 -15.44
C MET A 105 -12.09 1.01 -16.30
N GLN A 106 -13.33 0.60 -16.52
CA GLN A 106 -13.57 -0.55 -17.40
C GLN A 106 -13.09 -0.28 -18.82
N SER A 107 -13.41 0.90 -19.34
CA SER A 107 -12.94 1.26 -20.71
C SER A 107 -11.45 1.32 -20.78
N ALA A 108 -10.82 1.81 -19.71
CA ALA A 108 -9.35 1.94 -19.69
C ALA A 108 -8.74 0.54 -19.80
N VAL A 109 -9.24 -0.41 -18.99
CA VAL A 109 -8.67 -1.75 -19.09
C VAL A 109 -9.00 -2.42 -20.43
N ALA A 110 -10.21 -2.18 -20.96
CA ALA A 110 -10.57 -2.78 -22.24
C ALA A 110 -9.62 -2.22 -23.31
N ASP A 111 -9.37 -0.93 -23.23
CA ASP A 111 -8.62 -0.22 -24.32
C ASP A 111 -7.13 -0.35 -24.16
N TYR A 112 -6.64 -0.38 -22.92
CA TYR A 112 -5.21 -0.30 -22.68
C TYR A 112 -4.65 -1.47 -21.90
N GLY A 113 -5.48 -2.48 -21.56
CA GLY A 113 -4.93 -3.65 -20.86
C GLY A 113 -3.84 -4.34 -21.67
N TYR A 114 -3.89 -4.25 -23.00
CA TYR A 114 -2.92 -4.95 -23.84
C TYR A 114 -1.54 -4.38 -23.59
N LEU A 115 -1.45 -3.17 -23.04
CA LEU A 115 -0.10 -2.61 -22.72
C LEU A 115 0.66 -3.45 -21.66
N LEU A 116 -0.08 -4.30 -20.94
CA LEU A 116 0.48 -5.10 -19.87
C LEU A 116 1.16 -6.32 -20.41
N ASP A 117 0.81 -6.72 -21.63
CA ASP A 117 1.31 -7.97 -22.18
C ASP A 117 2.78 -7.79 -22.58
N ASP A 118 3.65 -8.58 -21.97
CA ASP A 118 5.08 -8.28 -21.92
C ASP A 118 5.87 -9.42 -22.57
N GLY A 119 5.19 -10.32 -23.29
CA GLY A 119 5.84 -11.51 -23.80
C GLY A 119 6.02 -12.73 -22.86
N THR A 120 5.24 -12.76 -21.80
CA THR A 120 5.15 -13.92 -20.91
C THR A 120 3.70 -14.49 -20.87
N GLY A 121 2.97 -14.25 -21.95
CA GLY A 121 1.59 -14.67 -22.06
C GLY A 121 0.70 -13.56 -21.54
N ARG A 122 -0.61 -13.76 -21.66
CA ARG A 122 -1.56 -12.72 -21.24
C ARG A 122 -1.42 -12.39 -19.76
N VAL A 123 -1.32 -11.09 -19.47
CA VAL A 123 -1.00 -10.64 -18.14
C VAL A 123 -2.32 -10.24 -17.45
N GLU A 124 -2.56 -10.75 -16.26
CA GLU A 124 -3.75 -10.29 -15.51
C GLU A 124 -3.54 -9.15 -14.56
N VAL A 125 -4.63 -8.52 -14.15
CA VAL A 125 -4.50 -7.20 -13.52
C VAL A 125 -5.66 -7.02 -12.50
N GLY A 126 -5.38 -6.30 -11.44
CA GLY A 126 -6.44 -5.82 -10.53
C GLY A 126 -6.13 -4.42 -10.08
N ASN A 127 -7.17 -3.58 -9.93
CA ASN A 127 -6.96 -2.22 -9.40
C ASN A 127 -8.12 -1.88 -8.51
N VAL A 128 -7.85 -1.09 -7.47
CA VAL A 128 -8.94 -0.60 -6.60
C VAL A 128 -8.72 0.87 -6.38
N LEU A 129 -9.76 1.69 -6.64
CA LEU A 129 -9.64 3.13 -6.38
C LEU A 129 -10.45 3.45 -5.09
N MET A 130 -9.82 4.09 -4.11
CA MET A 130 -10.43 4.28 -2.78
C MET A 130 -10.32 5.75 -2.36
N ASP A 131 -11.40 6.26 -1.75
CA ASP A 131 -11.43 7.60 -1.16
C ASP A 131 -10.65 7.56 0.15
N ASN A 132 -9.62 8.40 0.25
CA ASN A 132 -8.77 8.34 1.44
C ASN A 132 -9.44 8.75 2.73
N GLN A 133 -10.46 9.59 2.62
CA GLN A 133 -11.11 10.11 3.81
CA GLN A 133 -11.13 10.14 3.78
C GLN A 133 -12.24 9.21 4.32
N THR A 134 -12.68 8.26 3.49
CA THR A 134 -13.84 7.42 3.91
C THR A 134 -13.60 5.90 3.80
N GLY A 135 -12.55 5.46 3.09
CA GLY A 135 -12.39 4.05 2.73
C GLY A 135 -13.37 3.54 1.67
N ALA A 136 -14.23 4.41 1.12
CA ALA A 136 -15.18 3.99 0.10
C ALA A 136 -14.45 3.58 -1.15
N ILE A 137 -14.92 2.52 -1.79
CA ILE A 137 -14.28 2.09 -3.05
C ILE A 137 -15.07 2.63 -4.23
N LEU A 138 -14.44 3.54 -4.99
CA LEU A 138 -15.18 4.29 -5.99
C LEU A 138 -15.24 3.52 -7.29
N GLY A 139 -14.25 2.65 -7.51
CA GLY A 139 -14.25 1.88 -8.77
C GLY A 139 -13.12 0.86 -8.69
N PHE A 140 -13.18 -0.17 -9.51
CA PHE A 140 -12.10 -1.17 -9.47
C PHE A 140 -12.02 -1.85 -10.80
N VAL A 141 -10.89 -2.53 -11.02
CA VAL A 141 -10.75 -3.39 -12.23
C VAL A 141 -10.51 -4.81 -11.72
N GLY A 142 -11.37 -5.73 -12.16
CA GLY A 142 -11.34 -7.12 -11.64
C GLY A 142 -10.35 -7.97 -12.42
N GLY A 143 -10.08 -7.54 -13.65
CA GLY A 143 -9.39 -8.40 -14.60
C GLY A 143 -9.44 -7.80 -16.02
N ARG A 144 -8.76 -8.46 -16.96
CA ARG A 144 -8.66 -8.02 -18.35
C ARG A 144 -10.02 -8.08 -19.03
N ASN A 145 -10.79 -9.14 -18.76
CA ASN A 145 -12.01 -9.42 -19.51
C ASN A 145 -12.77 -10.56 -18.85
N TYR A 146 -13.73 -10.18 -18.00
CA TYR A 146 -14.61 -11.18 -17.31
C TYR A 146 -15.11 -12.28 -18.25
N GLN A 147 -15.45 -11.91 -19.50
CA GLN A 147 -15.97 -12.93 -20.42
C GLN A 147 -14.96 -14.04 -20.75
N GLU A 148 -13.67 -13.75 -20.64
CA GLU A 148 -12.64 -14.75 -20.93
C GLU A 148 -12.08 -15.38 -19.65
N ASN A 149 -12.06 -14.63 -18.56
CA ASN A 149 -11.48 -15.11 -17.30
C ASN A 149 -12.20 -14.43 -16.14
N GLN A 150 -12.92 -15.22 -15.34
CA GLN A 150 -13.78 -14.66 -14.31
C GLN A 150 -13.06 -14.31 -13.01
N ASN A 151 -11.82 -14.74 -12.82
CA ASN A 151 -11.15 -14.53 -11.52
C ASN A 151 -11.11 -13.04 -11.16
N ASN A 152 -11.45 -12.72 -9.92
CA ASN A 152 -11.52 -11.31 -9.51
C ASN A 152 -10.27 -10.89 -8.84
N HIS A 153 -9.44 -10.15 -9.58
CA HIS A 153 -8.07 -9.83 -9.11
C HIS A 153 -8.04 -8.65 -8.17
N ALA A 154 -9.21 -8.05 -7.90
CA ALA A 154 -9.28 -6.86 -7.04
C ALA A 154 -9.66 -7.25 -5.62
N PHE A 155 -10.52 -8.26 -5.50
CA PHE A 155 -11.09 -8.63 -4.22
C PHE A 155 -10.83 -10.08 -3.80
N ASP A 156 -10.55 -10.96 -4.76
CA ASP A 156 -10.47 -12.40 -4.42
C ASP A 156 -9.03 -12.93 -4.37
N THR A 157 -8.20 -12.52 -5.29
CA THR A 157 -6.90 -13.21 -5.44
C THR A 157 -5.93 -12.62 -4.42
N LYS A 158 -5.24 -13.45 -3.66
CA LYS A 158 -4.25 -12.90 -2.68
C LYS A 158 -2.86 -13.21 -3.19
N ARG A 159 -1.98 -12.21 -3.19
CA ARG A 159 -0.62 -12.36 -3.75
C ARG A 159 0.34 -11.61 -2.83
N SER A 160 1.62 -11.99 -2.87
CA SER A 160 2.58 -11.22 -2.02
C SER A 160 2.64 -9.75 -2.50
N PRO A 161 2.53 -8.77 -1.59
CA PRO A 161 2.63 -7.34 -1.97
C PRO A 161 4.12 -6.92 -2.22
N ALA A 162 5.03 -7.88 -2.10
CA ALA A 162 6.45 -7.60 -2.41
C ALA A 162 7.00 -6.38 -1.67
N SER A 163 7.77 -5.52 -2.36
CA SER A 163 8.42 -4.38 -1.66
C SER A 163 7.47 -3.27 -1.23
N THR A 164 6.20 -3.33 -1.66
CA THR A 164 5.24 -2.34 -1.18
C THR A 164 4.91 -2.51 0.29
N THR A 165 5.41 -3.59 0.89
CA THR A 165 5.24 -3.84 2.30
C THR A 165 6.16 -2.90 3.10
N LYS A 166 7.23 -2.46 2.46
CA LYS A 166 8.30 -1.75 3.20
C LYS A 166 7.85 -0.47 3.92
N PRO A 167 7.07 0.41 3.28
CA PRO A 167 6.68 1.62 3.95
C PRO A 167 5.80 1.35 5.16
N LEU A 168 5.01 0.29 5.10
CA LEU A 168 3.99 0.05 6.14
C LEU A 168 4.56 -0.66 7.33
N LEU A 169 5.33 -1.70 7.08
CA LEU A 169 5.67 -2.64 8.12
C LEU A 169 7.11 -2.43 8.60
N ALA A 170 7.98 -1.76 7.82
CA ALA A 170 9.34 -1.51 8.31
C ALA A 170 9.54 -0.02 8.59
N TYR A 171 9.64 0.78 7.54
CA TYR A 171 10.04 2.17 7.74
C TYR A 171 9.01 2.94 8.50
N GLY A 172 7.72 2.78 8.14
CA GLY A 172 6.66 3.58 8.74
C GLY A 172 6.66 3.32 10.25
N ILE A 173 6.71 2.05 10.62
CA ILE A 173 6.74 1.71 12.03
C ILE A 173 7.99 2.21 12.73
N ALA A 174 9.15 2.00 12.12
CA ALA A 174 10.39 2.49 12.75
C ALA A 174 10.34 4.03 13.00
N ILE A 175 9.82 4.76 12.02
CA ILE A 175 9.66 6.21 12.18
C ILE A 175 8.69 6.53 13.31
N ASP A 176 7.59 5.80 13.34
CA ASP A 176 6.53 6.05 14.33
C ASP A 176 7.00 5.80 15.76
N GLN A 177 7.97 4.90 15.87
CA GLN A 177 8.56 4.54 17.14
C GLN A 177 9.75 5.36 17.58
N GLY A 178 10.12 6.34 16.78
CA GLY A 178 11.22 7.24 17.11
C GLY A 178 12.55 6.55 16.95
N LEU A 179 12.61 5.59 16.03
CA LEU A 179 13.84 4.78 15.82
C LEU A 179 14.53 5.16 14.50
N MET A 180 13.93 6.12 13.79
CA MET A 180 14.42 6.49 12.47
C MET A 180 13.83 7.83 12.11
N GLY A 181 14.60 8.63 11.40
CA GLY A 181 14.05 9.83 10.78
C GLY A 181 14.22 9.82 9.27
N SER A 182 13.76 10.89 8.61
CA SER A 182 13.80 10.92 7.13
C SER A 182 15.20 10.80 6.49
N GLU A 183 16.22 11.26 7.20
CA GLU A 183 17.61 11.26 6.70
C GLU A 183 18.52 10.28 7.46
N THR A 184 17.87 9.36 8.18
CA THR A 184 18.58 8.28 8.84
C THR A 184 19.34 7.45 7.82
N ILE A 185 20.53 7.00 8.23
CA ILE A 185 21.37 6.16 7.38
C ILE A 185 21.14 4.70 7.72
N LEU A 186 21.13 3.85 6.68
CA LEU A 186 20.89 2.40 6.88
C LEU A 186 22.01 1.69 6.19
N SER A 187 22.38 0.51 6.70
CA SER A 187 23.37 -0.31 6.00
C SER A 187 22.73 -0.99 4.78
N ASN A 188 23.43 -0.92 3.66
CA ASN A 188 23.20 -1.80 2.51
C ASN A 188 24.45 -2.64 2.21
N TYR A 189 25.36 -2.78 3.16
CA TYR A 189 26.48 -3.71 2.99
C TYR A 189 25.94 -5.16 2.87
N PRO A 190 26.63 -6.04 2.13
CA PRO A 190 26.20 -7.45 2.02
C PRO A 190 25.95 -8.06 3.39
N THR A 191 24.88 -8.84 3.49
CA THR A 191 24.64 -9.65 4.68
C THR A 191 23.80 -10.87 4.27
N ASN A 192 23.73 -11.88 5.14
CA ASN A 192 22.93 -13.09 4.83
C ASN A 192 21.65 -13.22 5.67
N PHE A 193 20.64 -13.91 5.13
CA PHE A 193 19.49 -14.30 5.94
C PHE A 193 19.92 -15.38 6.94
N ALA A 194 19.01 -15.71 7.85
CA ALA A 194 19.27 -16.74 8.85
C ALA A 194 19.67 -18.10 8.19
N ASN A 195 19.11 -18.39 7.02
CA ASN A 195 19.43 -19.67 6.35
C ASN A 195 20.75 -19.56 5.60
N GLY A 196 21.44 -18.43 5.69
CA GLY A 196 22.83 -18.43 5.18
C GLY A 196 22.86 -17.86 3.73
N ASN A 197 21.69 -17.74 3.11
CA ASN A 197 21.62 -17.15 1.76
C ASN A 197 21.87 -15.64 1.81
N PRO A 198 22.59 -15.11 0.81
CA PRO A 198 22.78 -13.64 0.72
C PRO A 198 21.50 -12.95 0.50
N ILE A 199 21.36 -11.78 1.12
CA ILE A 199 20.27 -10.92 0.77
C ILE A 199 20.57 -10.16 -0.54
N MET A 200 19.72 -10.36 -1.53
CA MET A 200 20.02 -9.88 -2.88
C MET A 200 19.14 -8.74 -3.30
N TYR A 201 19.60 -7.95 -4.29
CA TYR A 201 18.76 -6.97 -4.98
C TYR A 201 19.18 -7.05 -6.45
N ALA A 202 18.30 -7.64 -7.28
CA ALA A 202 18.71 -8.32 -8.52
C ALA A 202 20.05 -9.08 -8.38
N ASN A 203 21.06 -8.69 -9.15
CA ASN A 203 22.37 -9.30 -9.00
C ASN A 203 23.29 -8.66 -7.99
N SER A 204 22.84 -7.65 -7.26
CA SER A 204 23.74 -6.98 -6.34
C SER A 204 23.69 -7.63 -4.94
N LYS A 205 24.85 -7.94 -4.38
CA LYS A 205 24.94 -8.43 -3.02
C LYS A 205 24.92 -7.28 -2.00
N GLY A 206 24.69 -6.06 -2.52
CA GLY A 206 24.70 -4.85 -1.69
C GLY A 206 25.79 -3.85 -2.04
N THR A 207 25.79 -2.70 -1.35
CA THR A 207 26.76 -1.63 -1.54
C THR A 207 27.38 -1.18 -0.21
N GLY A 208 26.91 -0.08 0.38
CA GLY A 208 27.52 0.48 1.63
C GLY A 208 26.38 1.22 2.35
N MET A 209 26.71 2.24 3.12
CA MET A 209 25.66 3.02 3.79
C MET A 209 24.79 3.79 2.82
N MET A 210 23.55 4.05 3.19
CA MET A 210 22.74 4.91 2.30
C MET A 210 21.67 5.56 3.10
N THR A 211 21.11 6.69 2.61
CA THR A 211 19.96 7.32 3.30
C THR A 211 18.68 6.50 3.12
N LEU A 212 17.70 6.79 3.97
CA LEU A 212 16.38 6.16 3.88
C LEU A 212 15.78 6.52 2.51
N GLY A 213 16.00 7.74 2.06
CA GLY A 213 15.38 8.10 0.75
C GLY A 213 15.99 7.24 -0.36
N GLU A 214 17.30 7.06 -0.34
CA GLU A 214 17.92 6.22 -1.38
C GLU A 214 17.41 4.75 -1.26
N ALA A 215 17.32 4.28 -0.03
CA ALA A 215 16.80 2.89 0.19
C ALA A 215 15.37 2.75 -0.37
N LEU A 216 14.50 3.73 -0.10
CA LEU A 216 13.16 3.70 -0.68
C LEU A 216 13.08 3.86 -2.21
N ASN A 217 13.82 4.85 -2.73
CA ASN A 217 13.73 5.13 -4.15
C ASN A 217 14.15 3.92 -4.99
N TYR A 218 15.20 3.22 -4.53
CA TYR A 218 15.72 2.04 -5.26
C TYR A 218 14.99 0.75 -4.84
N SER A 219 14.33 0.79 -3.68
CA SER A 219 13.79 -0.43 -3.06
C SER A 219 14.87 -1.45 -2.70
N TRP A 220 16.03 -0.99 -2.20
CA TRP A 220 17.05 -1.93 -1.78
C TRP A 220 16.45 -2.82 -0.66
N ASN A 221 16.98 -4.03 -0.53
CA ASN A 221 16.42 -5.00 0.41
C ASN A 221 17.11 -5.07 1.76
N ILE A 222 18.44 -4.97 1.80
CA ILE A 222 19.16 -5.08 3.04
C ILE A 222 18.75 -4.01 4.10
N PRO A 223 18.55 -2.76 3.72
CA PRO A 223 18.09 -1.75 4.70
C PRO A 223 16.74 -2.07 5.31
N ALA A 224 15.84 -2.71 4.56
CA ALA A 224 14.49 -3.01 5.06
C ALA A 224 14.62 -4.22 5.99
N TYR A 225 15.49 -5.16 5.63
CA TYR A 225 15.80 -6.32 6.48
C TYR A 225 16.31 -5.81 7.82
N TRP A 226 17.27 -4.89 7.81
CA TRP A 226 17.78 -4.36 9.09
C TRP A 226 16.72 -3.61 9.91
N THR A 227 15.88 -2.85 9.22
CA THR A 227 14.87 -2.06 9.89
C THR A 227 13.91 -2.98 10.65
N TYR A 228 13.49 -4.06 10.00
CA TYR A 228 12.55 -4.97 10.61
C TYR A 228 13.23 -5.79 11.72
N ARG A 229 14.52 -6.13 11.52
CA ARG A 229 15.28 -6.77 12.56
CA ARG A 229 15.26 -6.78 12.58
C ARG A 229 15.30 -5.90 13.84
N MET A 230 15.42 -4.59 13.63
CA MET A 230 15.49 -3.67 14.75
C MET A 230 14.14 -3.69 15.49
N LEU A 231 13.03 -3.65 14.74
CA LEU A 231 11.69 -3.70 15.36
C LEU A 231 11.57 -4.97 16.20
N ARG A 232 12.05 -6.11 15.67
CA ARG A 232 11.96 -7.38 16.40
C ARG A 232 12.80 -7.28 17.64
N GLU A 233 14.03 -6.80 17.48
CA GLU A 233 14.92 -6.80 18.61
C GLU A 233 14.33 -5.95 19.72
N ASN A 234 13.67 -4.86 19.33
CA ASN A 234 13.08 -3.92 20.29
C ASN A 234 11.70 -4.32 20.79
N GLY A 235 11.17 -5.42 20.27
CA GLY A 235 9.89 -5.97 20.76
C GLY A 235 8.73 -5.09 20.35
N VAL A 236 8.87 -4.43 19.22
CA VAL A 236 7.79 -3.57 18.72
C VAL A 236 6.57 -4.38 18.35
N ASP A 237 5.39 -3.88 18.74
CA ASP A 237 4.12 -4.56 18.41
C ASP A 237 3.74 -4.26 16.98
N VAL A 238 4.44 -4.89 16.05
CA VAL A 238 4.16 -4.70 14.64
C VAL A 238 2.79 -5.20 14.29
N LYS A 239 2.38 -6.34 14.89
CA LYS A 239 1.07 -6.93 14.60
C LYS A 239 -0.04 -5.93 14.95
N GLY A 240 0.20 -5.19 16.03
CA GLY A 240 -0.75 -4.14 16.43
C GLY A 240 -1.08 -3.19 15.29
N TYR A 241 -0.04 -2.63 14.63
CA TYR A 241 -0.23 -1.75 13.46
C TYR A 241 -0.95 -2.47 12.37
N MET A 242 -0.43 -3.66 12.01
CA MET A 242 -0.93 -4.29 10.82
C MET A 242 -2.38 -4.75 10.96
N GLU A 243 -2.74 -5.24 12.14
CA GLU A 243 -4.09 -5.71 12.38
C GLU A 243 -5.09 -4.55 12.52
N LYS A 244 -4.59 -3.37 12.89
CA LYS A 244 -5.44 -2.13 12.89
C LYS A 244 -5.84 -1.73 11.48
N MET A 245 -5.01 -2.12 10.50
CA MET A 245 -5.36 -1.88 9.08
C MET A 245 -6.02 -3.09 8.38
N GLY A 246 -6.30 -4.14 9.16
CA GLY A 246 -7.06 -5.25 8.61
C GLY A 246 -6.18 -6.32 7.96
N TYR A 247 -4.88 -6.21 8.09
CA TYR A 247 -4.02 -7.25 7.48
C TYR A 247 -4.04 -8.54 8.37
N GLU A 248 -3.85 -9.67 7.72
CA GLU A 248 -3.74 -10.97 8.43
C GLU A 248 -2.41 -11.60 7.99
N ILE A 249 -1.47 -11.69 8.92
CA ILE A 249 -0.12 -12.22 8.65
C ILE A 249 0.10 -13.33 9.66
N PRO A 250 0.43 -14.55 9.21
CA PRO A 250 0.48 -15.67 10.16
C PRO A 250 1.74 -15.66 11.06
N GLU A 251 2.87 -15.19 10.54
CA GLU A 251 4.12 -15.34 11.30
C GLU A 251 4.90 -14.03 11.22
N TYR A 252 5.00 -13.31 12.34
CA TYR A 252 5.64 -12.00 12.27
C TYR A 252 7.17 -12.09 12.39
N GLY A 253 7.71 -13.28 12.65
CA GLY A 253 9.19 -13.43 12.78
C GLY A 253 9.93 -13.56 11.44
N ILE A 254 9.19 -13.63 10.33
CA ILE A 254 9.76 -13.81 8.95
C ILE A 254 10.70 -12.64 8.59
N GLU A 255 11.97 -12.92 8.33
CA GLU A 255 12.94 -11.82 8.08
C GLU A 255 12.59 -10.99 6.86
N SER A 256 11.92 -11.62 5.90
CA SER A 256 11.67 -10.98 4.62
C SER A 256 10.29 -10.37 4.55
N LEU A 257 9.63 -10.23 5.69
CA LEU A 257 8.32 -9.61 5.70
C LEU A 257 8.30 -8.26 4.98
N PRO A 258 9.33 -7.41 5.12
CA PRO A 258 9.27 -6.10 4.43
C PRO A 258 9.34 -6.26 2.92
N MET A 259 9.92 -7.37 2.46
CA MET A 259 10.01 -7.67 1.05
C MET A 259 8.81 -8.50 0.57
N GLY A 260 7.80 -8.65 1.40
CA GLY A 260 6.58 -9.39 1.03
C GLY A 260 6.59 -10.89 1.32
N GLY A 261 7.63 -11.39 1.98
CA GLY A 261 7.62 -12.78 2.41
C GLY A 261 6.66 -13.00 3.58
N GLY A 262 5.82 -14.05 3.49
CA GLY A 262 4.94 -14.38 4.61
C GLY A 262 3.72 -13.50 4.71
N ILE A 263 3.42 -12.81 3.61
CA ILE A 263 2.24 -11.99 3.55
C ILE A 263 1.62 -12.13 2.15
N GLU A 264 0.31 -12.36 2.13
CA GLU A 264 -0.47 -12.42 0.88
C GLU A 264 -1.69 -11.56 1.03
N VAL A 265 -1.99 -10.70 0.05
CA VAL A 265 -3.08 -9.74 0.26
C VAL A 265 -3.91 -9.59 -1.03
N THR A 266 -5.16 -9.15 -0.90
CA THR A 266 -5.89 -8.71 -2.07
C THR A 266 -5.50 -7.27 -2.38
N VAL A 267 -5.83 -6.85 -3.59
CA VAL A 267 -5.52 -5.45 -3.96
C VAL A 267 -6.39 -4.53 -3.12
N ALA A 268 -7.63 -4.95 -2.82
CA ALA A 268 -8.50 -4.02 -2.06
C ALA A 268 -7.97 -3.83 -0.64
N GLN A 269 -7.47 -4.91 -0.04
CA GLN A 269 -6.91 -4.82 1.31
C GLN A 269 -5.68 -3.98 1.29
N HIS A 270 -4.80 -4.23 0.33
CA HIS A 270 -3.54 -3.50 0.34
C HIS A 270 -3.70 -2.02 0.03
N THR A 271 -4.67 -1.70 -0.82
CA THR A 271 -5.04 -0.31 -1.09
C THR A 271 -5.36 0.36 0.23
N ASN A 272 -6.03 -0.37 1.13
CA ASN A 272 -6.43 0.20 2.39
C ASN A 272 -5.24 0.52 3.28
N GLY A 273 -4.10 -0.18 3.14
CA GLY A 273 -2.94 0.23 3.94
C GLY A 273 -2.34 1.55 3.40
N TYR A 274 -2.32 1.70 2.07
CA TYR A 274 -1.84 2.95 1.51
C TYR A 274 -2.82 4.08 1.76
N GLN A 275 -4.12 3.78 1.79
CA GLN A 275 -5.10 4.77 2.24
C GLN A 275 -4.68 5.35 3.61
N THR A 276 -4.30 4.46 4.54
CA THR A 276 -3.99 4.89 5.88
C THR A 276 -2.82 5.88 5.90
N LEU A 277 -1.80 5.63 5.09
CA LEU A 277 -0.63 6.49 5.07
C LEU A 277 -0.99 7.82 4.39
N ALA A 278 -1.79 7.75 3.33
CA ALA A 278 -2.20 8.99 2.58
C ALA A 278 -3.09 9.83 3.44
N ASN A 279 -3.94 9.18 4.25
CA ASN A 279 -4.91 9.95 5.10
C ASN A 279 -4.29 10.38 6.43
N ASN A 280 -2.99 10.74 6.38
CA ASN A 280 -2.27 11.24 7.56
C ASN A 280 -2.31 10.30 8.75
N GLY A 281 -2.31 9.01 8.43
CA GLY A 281 -2.11 7.98 9.42
C GLY A 281 -3.45 7.39 9.90
N VAL A 282 -4.58 7.88 9.38
CA VAL A 282 -5.92 7.52 9.91
C VAL A 282 -6.60 6.51 9.02
N TYR A 283 -6.67 5.28 9.49
CA TYR A 283 -7.32 4.19 8.74
C TYR A 283 -8.81 4.40 8.69
N HIS A 284 -9.42 4.14 7.52
CA HIS A 284 -10.85 3.90 7.46
C HIS A 284 -11.02 2.54 6.76
N GLN A 285 -11.89 1.69 7.30
CA GLN A 285 -12.11 0.42 6.64
C GLN A 285 -12.70 0.48 5.22
N LYS A 286 -12.01 -0.20 4.28
CA LYS A 286 -12.51 -0.32 2.92
C LYS A 286 -13.93 -0.89 2.92
N HIS A 287 -14.71 -0.48 1.94
CA HIS A 287 -16.09 -1.00 1.82
C HIS A 287 -16.61 -0.65 0.43
N VAL A 288 -17.45 -1.54 -0.09
CA VAL A 288 -18.12 -1.31 -1.35
CA VAL A 288 -18.11 -1.33 -1.36
C VAL A 288 -19.63 -1.18 -1.13
N ILE A 289 -20.13 -1.63 0.03
CA ILE A 289 -21.57 -1.41 0.34
C ILE A 289 -21.73 -0.29 1.38
N SER A 290 -22.56 0.72 1.10
CA SER A 290 -22.74 1.71 2.15
C SER A 290 -24.01 1.44 2.95
N LYS A 291 -25.02 0.84 2.33
CA LYS A 291 -26.34 0.66 3.01
C LYS A 291 -27.13 -0.42 2.28
N ILE A 292 -27.91 -1.17 3.02
CA ILE A 292 -28.90 -2.06 2.40
C ILE A 292 -30.21 -1.74 3.06
N GLU A 293 -31.20 -1.41 2.24
CA GLU A 293 -32.55 -1.12 2.79
C GLU A 293 -33.58 -2.08 2.27
N ALA A 294 -34.64 -2.29 3.05
CA ALA A 294 -35.76 -3.06 2.59
C ALA A 294 -36.56 -2.13 1.71
N ALA A 295 -37.42 -2.71 0.89
CA ALA A 295 -38.36 -1.93 0.09
C ALA A 295 -39.09 -0.85 0.88
N ASP A 296 -39.36 -1.11 2.15
CA ASP A 296 -40.12 -0.15 2.92
C ASP A 296 -39.23 0.87 3.59
N GLY A 297 -37.93 0.78 3.34
CA GLY A 297 -37.01 1.75 3.90
C GLY A 297 -36.25 1.32 5.14
N ARG A 298 -36.60 0.19 5.75
CA ARG A 298 -35.88 -0.28 6.94
C ARG A 298 -34.43 -0.47 6.59
N VAL A 299 -33.55 0.17 7.35
CA VAL A 299 -32.12 0.00 7.10
C VAL A 299 -31.67 -1.32 7.72
N VAL A 300 -31.38 -2.32 6.89
CA VAL A 300 -30.90 -3.59 7.42
C VAL A 300 -29.41 -3.69 7.62
N TYR A 301 -28.66 -2.86 6.90
CA TYR A 301 -27.22 -2.75 7.14
C TYR A 301 -26.80 -1.36 6.73
N GLU A 302 -25.92 -0.76 7.54
CA GLU A 302 -25.29 0.50 7.10
C GLU A 302 -23.85 0.51 7.54
N TYR A 303 -22.95 1.00 6.68
CA TYR A 303 -21.55 1.09 7.04
C TYR A 303 -21.37 2.02 8.21
N GLN A 304 -20.55 1.61 9.18
CA GLN A 304 -20.29 2.44 10.33
C GLN A 304 -18.82 2.75 10.33
N ASP A 305 -18.49 4.04 10.22
CA ASP A 305 -17.06 4.42 10.16
C ASP A 305 -16.41 4.31 11.53
N LYS A 306 -15.26 3.66 11.59
CA LYS A 306 -14.51 3.50 12.84
C LYS A 306 -13.04 3.92 12.59
N PRO A 307 -12.76 5.22 12.55
CA PRO A 307 -11.40 5.68 12.16
C PRO A 307 -10.40 5.25 13.23
N VAL A 308 -9.18 4.92 12.85
CA VAL A 308 -8.17 4.57 13.86
C VAL A 308 -6.86 5.26 13.47
N GLN A 309 -6.22 5.94 14.41
CA GLN A 309 -4.96 6.59 14.14
C GLN A 309 -3.87 5.52 14.23
N VAL A 310 -3.48 4.96 13.12
CA VAL A 310 -2.54 3.82 13.09
C VAL A 310 -1.08 4.31 13.17
N TYR A 311 -0.77 5.34 12.40
CA TYR A 311 0.56 6.01 12.54
C TYR A 311 0.25 7.43 12.98
N SER A 312 1.16 8.05 13.76
CA SER A 312 0.98 9.45 14.07
C SER A 312 0.90 10.28 12.78
N LYS A 313 0.35 11.47 12.92
CA LYS A 313 0.34 12.40 11.82
C LYS A 313 1.77 12.75 11.40
N ALA A 314 2.66 12.89 12.37
CA ALA A 314 4.05 13.12 12.01
C ALA A 314 4.58 12.00 11.12
N THR A 315 4.46 10.75 11.59
CA THR A 315 4.95 9.64 10.80
C THR A 315 4.39 9.62 9.37
N ALA A 316 3.08 9.70 9.26
CA ALA A 316 2.43 9.53 7.96
C ALA A 316 2.92 10.64 7.02
N THR A 317 2.99 11.89 7.53
CA THR A 317 3.36 12.98 6.66
C THR A 317 4.83 12.94 6.27
N ILE A 318 5.65 12.42 7.14
CA ILE A 318 7.05 12.20 6.77
C ILE A 318 7.13 11.13 5.65
N MET A 319 6.41 10.02 5.84
CA MET A 319 6.39 8.95 4.81
C MET A 319 5.82 9.49 3.47
N GLN A 320 4.84 10.40 3.52
CA GLN A 320 4.32 10.93 2.23
C GLN A 320 5.42 11.64 1.45
N GLY A 321 6.26 12.39 2.16
CA GLY A 321 7.36 13.16 1.52
C GLY A 321 8.34 12.15 0.88
N LEU A 322 8.59 11.03 1.56
CA LEU A 322 9.53 10.00 1.05
C LEU A 322 8.95 9.31 -0.17
N LEU A 323 7.65 9.02 -0.14
CA LEU A 323 7.05 8.29 -1.27
C LEU A 323 6.83 9.19 -2.46
N ARG A 324 6.77 10.50 -2.22
CA ARG A 324 6.69 11.44 -3.35
C ARG A 324 7.96 11.26 -4.17
N GLU A 325 9.07 11.18 -3.47
CA GLU A 325 10.36 11.08 -4.18
C GLU A 325 10.56 9.68 -4.84
N VAL A 326 9.93 8.65 -4.29
CA VAL A 326 9.96 7.34 -4.96
C VAL A 326 9.51 7.51 -6.44
N LEU A 327 8.34 8.11 -6.64
CA LEU A 327 7.87 8.28 -8.03
C LEU A 327 8.72 9.28 -8.81
N SER A 328 9.03 10.45 -8.23
CA SER A 328 9.75 11.50 -8.99
CA SER A 328 9.72 11.48 -9.05
C SER A 328 11.13 11.03 -9.42
N SER A 329 11.75 10.21 -8.59
CA SER A 329 13.11 9.72 -8.90
C SER A 329 13.11 8.78 -10.15
N ARG A 330 11.97 8.16 -10.43
CA ARG A 330 11.74 7.29 -11.64
C ARG A 330 12.70 6.14 -11.66
N VAL A 331 13.21 5.71 -10.49
CA VAL A 331 14.17 4.57 -10.47
C VAL A 331 13.48 3.25 -10.73
N THR A 332 12.36 3.01 -10.03
CA THR A 332 11.64 1.71 -10.08
C THR A 332 10.34 1.73 -10.85
N THR A 333 10.00 2.89 -11.38
CA THR A 333 8.75 3.01 -12.17
C THR A 333 8.88 4.21 -13.13
N THR A 334 8.36 4.06 -14.34
CA THR A 334 8.34 5.17 -15.28
C THR A 334 7.06 5.99 -15.10
N PHE A 335 6.24 5.67 -14.09
CA PHE A 335 4.88 6.25 -14.03
C PHE A 335 4.85 7.78 -14.26
N LYS A 336 5.70 8.52 -13.54
CA LYS A 336 5.56 10.00 -13.63
C LYS A 336 5.90 10.43 -15.06
N SER A 337 6.83 9.76 -15.75
CA SER A 337 7.07 10.11 -17.18
C SER A 337 5.90 9.78 -18.08
N ASN A 338 5.27 8.61 -17.85
CA ASN A 338 4.12 8.19 -18.67
C ASN A 338 3.00 9.22 -18.45
N LEU A 339 2.77 9.59 -17.18
CA LEU A 339 1.61 10.47 -16.88
C LEU A 339 1.85 11.92 -17.35
N THR A 340 3.06 12.45 -17.13
CA THR A 340 3.36 13.83 -17.54
CA THR A 340 3.38 13.83 -17.57
C THR A 340 3.14 14.00 -19.06
N SER A 341 3.33 12.91 -19.84
CA SER A 341 3.01 12.97 -21.28
C SER A 341 1.53 12.96 -21.58
N LEU A 342 0.85 12.02 -20.96
CA LEU A 342 -0.56 11.86 -21.19
C LEU A 342 -1.36 13.05 -20.74
N ASN A 343 -1.04 13.56 -19.55
CA ASN A 343 -1.88 14.59 -18.89
C ASN A 343 -0.99 15.42 -17.96
N PRO A 344 -0.27 16.36 -18.53
CA PRO A 344 0.72 17.09 -17.76
C PRO A 344 0.08 17.74 -16.52
N THR A 345 -1.13 18.30 -16.69
CA THR A 345 -1.78 18.93 -15.52
C THR A 345 -2.05 17.95 -14.39
N LEU A 346 -2.49 16.74 -14.73
CA LEU A 346 -2.73 15.76 -13.68
C LEU A 346 -1.43 15.25 -13.08
N ALA A 347 -0.38 15.20 -13.90
CA ALA A 347 0.89 14.79 -13.37
C ALA A 347 1.46 15.75 -12.29
N ASN A 348 1.02 17.00 -12.35
CA ASN A 348 1.40 18.01 -11.36
C ASN A 348 0.61 17.97 -10.06
N ALA A 349 -0.40 17.08 -10.00
CA ALA A 349 -1.06 16.81 -8.70
C ALA A 349 -0.02 16.15 -7.81
N ASP A 350 -0.28 16.05 -6.50
CA ASP A 350 0.78 15.62 -5.56
C ASP A 350 0.83 14.09 -5.41
N TRP A 351 1.35 13.40 -6.44
CA TRP A 351 1.46 11.94 -6.48
C TRP A 351 2.56 11.44 -5.57
N ILE A 352 2.20 10.46 -4.75
CA ILE A 352 3.18 9.65 -4.02
C ILE A 352 2.92 8.15 -4.30
N GLY A 353 3.92 7.32 -4.13
CA GLY A 353 3.64 5.91 -4.39
C GLY A 353 4.80 5.02 -4.07
N LYS A 354 4.61 3.71 -4.30
CA LYS A 354 5.66 2.74 -4.09
C LYS A 354 5.38 1.57 -5.05
N THR A 355 6.47 0.99 -5.54
CA THR A 355 6.46 -0.17 -6.42
C THR A 355 6.76 -1.45 -5.63
N GLY A 356 6.37 -2.59 -6.17
CA GLY A 356 6.85 -3.91 -5.65
C GLY A 356 7.08 -4.89 -6.76
N THR A 357 8.06 -5.80 -6.53
CA THR A 357 8.34 -6.87 -7.51
C THR A 357 8.67 -8.15 -6.69
N THR A 358 8.00 -9.28 -6.94
CA THR A 358 8.39 -10.46 -6.16
C THR A 358 9.65 -11.09 -6.78
N GLY A 359 10.22 -12.05 -6.06
CA GLY A 359 11.55 -12.62 -6.35
C GLY A 359 11.76 -13.05 -7.79
N GLN A 360 10.82 -13.82 -8.34
CA GLN A 360 10.94 -14.28 -9.71
C GLN A 360 10.13 -13.39 -10.67
N ASP A 361 9.81 -12.17 -10.25
CA ASP A 361 9.02 -11.34 -11.12
C ASP A 361 7.63 -11.99 -11.31
N GLU A 362 7.11 -12.62 -10.25
CA GLU A 362 5.75 -13.21 -10.31
C GLU A 362 4.65 -12.19 -10.03
N ASN A 363 4.93 -11.13 -9.26
CA ASN A 363 3.85 -10.16 -8.94
C ASN A 363 4.50 -8.77 -9.09
N MET A 364 3.84 -7.82 -9.75
CA MET A 364 4.35 -6.44 -9.78
C MET A 364 3.23 -5.64 -9.18
N TRP A 365 3.60 -4.64 -8.35
CA TRP A 365 2.61 -3.74 -7.77
C TRP A 365 3.01 -2.28 -8.03
N LEU A 366 2.02 -1.40 -8.09
CA LEU A 366 2.27 0.02 -8.02
C LEU A 366 1.12 0.63 -7.24
N MET A 367 1.43 1.24 -6.09
CA MET A 367 0.38 1.78 -5.23
C MET A 367 0.57 3.31 -5.36
N LEU A 368 -0.50 4.06 -5.60
CA LEU A 368 -0.38 5.49 -5.86
C LEU A 368 -1.39 6.21 -4.99
N SER A 369 -1.02 7.43 -4.55
CA SER A 369 -2.02 8.29 -3.86
C SER A 369 -1.83 9.77 -4.19
N THR A 370 -2.95 10.49 -4.15
CA THR A 370 -2.92 11.94 -3.99
C THR A 370 -3.61 12.14 -2.62
N PRO A 371 -3.64 13.37 -2.10
CA PRO A 371 -4.25 13.54 -0.80
C PRO A 371 -5.70 13.00 -0.81
N ARG A 372 -6.42 13.12 -1.92
CA ARG A 372 -7.81 12.64 -1.94
C ARG A 372 -8.03 11.11 -2.11
N LEU A 373 -7.23 10.47 -2.97
CA LEU A 373 -7.55 9.10 -3.42
C LEU A 373 -6.32 8.22 -3.37
N THR A 374 -6.55 6.93 -3.26
CA THR A 374 -5.48 5.94 -3.41
C THR A 374 -5.88 4.94 -4.48
N LEU A 375 -4.92 4.58 -5.33
CA LEU A 375 -5.19 3.61 -6.37
C LEU A 375 -4.17 2.50 -6.24
N GLY A 376 -4.64 1.29 -5.98
CA GLY A 376 -3.70 0.12 -5.93
C GLY A 376 -3.72 -0.59 -7.24
N GLY A 377 -2.60 -1.22 -7.59
CA GLY A 377 -2.53 -1.91 -8.86
C GLY A 377 -1.58 -3.10 -8.71
N TRP A 378 -2.10 -4.26 -9.07
CA TRP A 378 -1.29 -5.48 -9.13
C TRP A 378 -1.36 -5.96 -10.58
N ILE A 379 -0.28 -6.61 -11.06
CA ILE A 379 -0.36 -7.46 -12.24
C ILE A 379 0.47 -8.75 -11.99
N GLY A 380 0.14 -9.77 -12.74
CA GLY A 380 0.77 -11.05 -12.59
C GLY A 380 0.01 -12.08 -13.43
N HIS A 381 0.36 -13.36 -13.25
CA HIS A 381 -0.32 -14.45 -13.95
C HIS A 381 -1.07 -15.33 -12.94
N ASP A 382 -2.26 -15.79 -13.35
CA ASP A 382 -3.13 -16.57 -12.47
C ASP A 382 -2.39 -17.81 -12.03
N ASP A 383 -1.48 -18.34 -12.84
CA ASP A 383 -0.77 -19.56 -12.39
C ASP A 383 0.57 -19.28 -11.71
N ASN A 384 0.84 -18.01 -11.44
CA ASN A 384 2.06 -17.54 -10.71
C ASN A 384 3.34 -17.73 -11.54
N HIS A 385 3.24 -17.97 -12.84
CA HIS A 385 4.47 -17.90 -13.66
C HIS A 385 5.07 -16.49 -13.77
N SER A 386 6.38 -16.41 -14.05
CA SER A 386 7.10 -15.10 -14.02
C SER A 386 6.57 -14.13 -15.08
N LEU A 387 6.56 -12.84 -14.73
CA LEU A 387 6.48 -11.81 -15.76
C LEU A 387 7.89 -11.40 -16.24
N SER A 388 7.94 -10.52 -17.23
CA SER A 388 9.20 -9.99 -17.73
C SER A 388 9.83 -9.02 -16.74
N GLN A 389 11.13 -8.81 -16.89
CA GLN A 389 11.84 -8.02 -15.88
C GLN A 389 11.31 -6.60 -15.77
N GLN A 390 10.81 -6.07 -16.89
CA GLN A 390 10.36 -4.68 -17.00
C GLN A 390 8.84 -4.54 -16.82
N ALA A 391 8.12 -5.65 -16.57
CA ALA A 391 6.66 -5.57 -16.51
C ALA A 391 6.14 -4.51 -15.52
N GLY A 392 6.73 -4.47 -14.32
CA GLY A 392 6.27 -3.53 -13.28
C GLY A 392 6.86 -2.12 -13.47
N TYR A 393 8.12 -2.09 -13.90
CA TYR A 393 8.81 -0.79 -14.06
C TYR A 393 8.15 0.03 -15.16
N SER A 394 7.87 -0.61 -16.31
CA SER A 394 7.36 0.14 -17.46
C SER A 394 5.89 -0.22 -17.75
N ASN A 395 5.60 -1.47 -18.10
CA ASN A 395 4.20 -1.82 -18.58
C ASN A 395 3.09 -1.44 -17.61
N ASN A 396 3.22 -1.86 -16.34
CA ASN A 396 2.14 -1.55 -15.39
C ASN A 396 2.09 -0.02 -15.12
N SER A 397 3.26 0.61 -15.17
CA SER A 397 3.29 2.06 -14.95
C SER A 397 2.58 2.79 -16.05
N ASN A 398 2.80 2.34 -17.29
CA ASN A 398 2.12 2.98 -18.43
C ASN A 398 0.61 2.70 -18.41
N TYR A 399 0.25 1.47 -18.07
CA TYR A 399 -1.19 1.14 -17.98
C TYR A 399 -1.83 1.97 -16.85
N MET A 400 -1.17 2.09 -15.71
CA MET A 400 -1.78 2.83 -14.59
C MET A 400 -1.82 4.33 -14.87
N ALA A 401 -0.86 4.84 -15.61
CA ALA A 401 -0.96 6.26 -16.07
C ALA A 401 -2.21 6.44 -16.92
N HIS A 402 -2.47 5.47 -17.84
CA HIS A 402 -3.73 5.56 -18.62
C HIS A 402 -4.94 5.45 -17.73
N LEU A 403 -4.89 4.53 -16.76
CA LEU A 403 -6.05 4.35 -15.82
C LEU A 403 -6.33 5.65 -15.05
N VAL A 404 -5.29 6.27 -14.48
CA VAL A 404 -5.47 7.51 -13.72
CA VAL A 404 -5.55 7.51 -13.71
C VAL A 404 -6.01 8.62 -14.62
N ASN A 405 -5.44 8.71 -15.84
CA ASN A 405 -5.97 9.72 -16.81
C ASN A 405 -7.46 9.50 -17.08
N ALA A 406 -7.85 8.24 -17.26
CA ALA A 406 -9.23 7.93 -17.61
C ALA A 406 -10.15 8.33 -16.44
N ILE A 407 -9.70 8.08 -15.23
CA ILE A 407 -10.47 8.42 -14.04
C ILE A 407 -10.64 9.97 -13.99
N GLN A 408 -9.56 10.72 -14.25
CA GLN A 408 -9.65 12.19 -14.20
C GLN A 408 -10.55 12.69 -15.35
N GLN A 409 -10.45 12.10 -16.54
CA GLN A 409 -11.31 12.48 -17.69
CA GLN A 409 -11.31 12.58 -17.59
C GLN A 409 -12.78 12.33 -17.28
N ALA A 410 -13.07 11.27 -16.52
CA ALA A 410 -14.46 11.00 -16.11
C ALA A 410 -14.96 11.94 -15.00
N SER A 411 -14.07 12.40 -14.15
CA SER A 411 -14.43 13.09 -12.89
C SER A 411 -13.31 14.10 -12.58
N PRO A 412 -13.37 15.28 -13.21
CA PRO A 412 -12.18 16.14 -13.35
C PRO A 412 -11.50 16.60 -12.06
N SER A 413 -12.27 16.70 -10.97
CA SER A 413 -11.69 17.14 -9.70
C SER A 413 -11.37 16.01 -8.73
N ILE A 414 -11.59 14.75 -9.13
CA ILE A 414 -11.58 13.67 -8.15
C ILE A 414 -10.24 13.43 -7.48
N TRP A 415 -9.13 13.65 -8.21
CA TRP A 415 -7.82 13.43 -7.60
C TRP A 415 -7.42 14.60 -6.68
N GLY A 416 -7.86 15.80 -7.05
CA GLY A 416 -7.64 17.00 -6.29
C GLY A 416 -6.28 17.62 -6.52
N ASN A 417 -6.17 18.86 -6.10
CA ASN A 417 -4.97 19.62 -6.32
C ASN A 417 -4.29 19.95 -5.02
N GLU A 418 -4.72 19.33 -3.93
CA GLU A 418 -4.10 19.56 -2.62
C GLU A 418 -2.67 19.02 -2.61
N ARG A 419 -1.84 19.51 -1.70
CA ARG A 419 -0.51 18.88 -1.54
C ARG A 419 -0.50 18.10 -0.23
N PHE A 420 0.31 17.03 -0.15
CA PHE A 420 0.68 16.51 1.15
C PHE A 420 1.64 17.45 1.83
N ALA A 421 1.60 17.55 3.16
CA ALA A 421 2.52 18.47 3.83
C ALA A 421 2.86 17.94 5.19
N LEU A 422 4.07 18.23 5.67
CA LEU A 422 4.47 17.81 7.01
C LEU A 422 3.51 18.33 8.05
N ASP A 423 3.04 17.45 8.94
CA ASP A 423 2.32 17.89 10.14
C ASP A 423 3.15 18.82 11.04
N PRO A 424 2.53 19.82 11.67
CA PRO A 424 3.27 20.67 12.60
C PRO A 424 3.99 19.89 13.70
N SER A 425 3.51 18.71 14.05
CA SER A 425 4.10 17.94 15.14
C SER A 425 5.41 17.29 14.71
N VAL A 426 5.74 17.35 13.42
CA VAL A 426 7.07 16.85 12.96
C VAL A 426 8.26 17.58 13.60
N VAL A 427 9.23 16.83 14.09
CA VAL A 427 10.45 17.40 14.68
C VAL A 427 11.55 17.44 13.62
N LYS A 428 12.12 18.63 13.43
CA LYS A 428 13.19 18.82 12.45
C LYS A 428 14.53 18.83 13.16
N SER A 429 15.44 17.95 12.74
CA SER A 429 16.75 17.90 13.37
C SER A 429 17.85 18.18 12.36
N GLU A 430 18.82 19.01 12.74
CA GLU A 430 19.99 19.23 11.89
CA GLU A 430 19.97 19.24 11.88
C GLU A 430 20.99 18.11 12.09
N VAL A 431 21.16 17.28 11.06
CA VAL A 431 22.02 16.11 11.22
C VAL A 431 23.13 16.07 10.18
N LEU A 432 24.21 15.36 10.48
CA LEU A 432 25.29 15.20 9.50
C LEU A 432 24.76 14.34 8.37
N LYS A 433 25.13 14.69 7.14
CA LYS A 433 24.78 13.87 5.99
C LYS A 433 25.38 12.48 6.12
N SER A 434 26.60 12.42 6.61
CA SER A 434 27.31 11.15 6.69
C SER A 434 26.67 10.16 7.65
N THR A 435 26.14 10.66 8.78
CA THR A 435 25.72 9.75 9.84
C THR A 435 24.20 9.76 10.07
N GLY A 436 23.54 10.84 9.62
CA GLY A 436 22.12 11.07 9.87
C GLY A 436 21.78 11.31 11.33
N GLN A 437 22.79 11.69 12.10
CA GLN A 437 22.65 11.96 13.52
C GLN A 437 23.34 13.31 13.80
N LYS A 438 23.15 13.86 14.99
CA LYS A 438 23.66 15.21 15.21
C LYS A 438 25.19 15.17 15.33
N PRO A 439 25.87 16.25 14.95
CA PRO A 439 27.33 16.27 15.06
C PRO A 439 27.76 16.14 16.54
N GLY A 440 28.85 15.43 16.80
CA GLY A 440 29.41 15.33 18.16
C GLY A 440 30.65 14.45 18.20
N LYS A 441 31.22 14.24 19.40
CA LYS A 441 32.43 13.40 19.52
C LYS A 441 32.06 11.92 19.57
N VAL A 442 32.88 11.07 18.95
CA VAL A 442 32.54 9.66 18.78
C VAL A 442 33.76 8.84 19.07
N SER A 443 33.57 7.69 19.69
CA SER A 443 34.66 6.77 19.91
C SER A 443 35.01 5.96 18.64
N VAL A 444 36.17 6.25 18.04
CA VAL A 444 36.69 5.47 16.90
C VAL A 444 38.06 4.85 17.18
N GLU A 445 38.08 3.52 17.23
CA GLU A 445 39.31 2.76 17.43
C GLU A 445 40.11 3.29 18.60
N GLY A 446 39.43 3.46 19.73
CA GLY A 446 40.09 3.80 21.00
C GLY A 446 40.31 5.28 21.17
N LYS A 447 39.72 6.06 20.29
CA LYS A 447 40.10 7.46 20.06
C LYS A 447 38.85 8.29 19.84
N GLU A 448 38.65 9.30 20.69
CA GLU A 448 37.60 10.29 20.50
C GLU A 448 37.83 11.06 19.19
N VAL A 449 36.77 11.24 18.40
CA VAL A 449 36.93 11.99 17.17
C VAL A 449 35.78 12.97 17.01
N GLU A 450 36.13 14.22 16.66
CA GLU A 450 35.13 15.25 16.41
C GLU A 450 34.47 15.10 15.04
N VAL A 451 33.26 14.53 15.03
CA VAL A 451 32.57 14.31 13.78
C VAL A 451 31.86 15.57 13.33
N THR A 452 32.36 16.09 12.21
CA THR A 452 32.04 17.39 11.71
C THR A 452 31.59 17.19 10.26
N GLY A 453 31.00 18.21 9.64
CA GLY A 453 30.81 18.20 8.20
C GLY A 453 29.45 18.74 7.83
N SER A 454 29.05 18.53 6.57
CA SER A 454 27.81 19.15 6.10
C SER A 454 26.58 18.44 6.62
N THR A 455 25.53 19.24 6.80
CA THR A 455 24.34 18.84 7.52
C THR A 455 23.08 18.95 6.63
N VAL A 456 22.02 18.26 7.04
CA VAL A 456 20.78 18.25 6.28
C VAL A 456 19.71 18.30 7.36
N THR A 457 18.51 18.77 6.98
CA THR A 457 17.39 18.65 7.88
C THR A 457 16.78 17.25 7.83
N SER A 458 16.66 16.62 8.98
CA SER A 458 16.02 15.30 9.04
C SER A 458 14.72 15.34 9.84
N TYR A 459 13.65 14.76 9.27
CA TYR A 459 12.35 14.77 9.95
C TYR A 459 12.10 13.58 10.85
N TRP A 460 11.66 13.86 12.09
CA TRP A 460 11.39 12.84 13.10
C TRP A 460 9.94 12.90 13.59
N ALA A 461 9.46 11.79 14.13
CA ALA A 461 8.11 11.69 14.67
C ALA A 461 8.12 11.42 16.17
N ASN A 462 9.22 11.74 16.84
CA ASN A 462 9.28 11.55 18.28
C ASN A 462 9.27 12.96 18.88
N LYS A 463 9.69 13.08 20.13
CA LYS A 463 9.71 14.35 20.80
C LYS A 463 11.01 15.11 20.60
N SER A 464 12.15 14.43 20.75
CA SER A 464 13.43 15.14 20.82
C SER A 464 14.20 15.18 19.50
N GLY A 465 13.66 14.53 18.46
CA GLY A 465 14.33 14.44 17.17
C GLY A 465 15.46 13.43 17.16
N ALA A 466 16.48 13.67 16.33
CA ALA A 466 17.61 12.76 16.18
C ALA A 466 18.54 12.77 17.39
N PRO A 467 19.15 11.62 17.68
CA PRO A 467 20.17 11.58 18.72
C PRO A 467 21.47 12.23 18.23
N ALA A 468 22.41 12.41 19.12
CA ALA A 468 23.78 12.68 18.72
C ALA A 468 24.33 11.46 17.95
N THR A 469 25.25 11.71 17.04
CA THR A 469 25.99 10.63 16.38
C THR A 469 26.67 9.64 17.35
N SER A 470 26.49 8.36 17.08
CA SER A 470 27.20 7.33 17.81
CA SER A 470 27.18 7.30 17.82
C SER A 470 28.00 6.45 16.84
N TYR A 471 28.92 5.66 17.38
CA TYR A 471 29.77 4.83 16.51
C TYR A 471 28.91 3.99 15.54
N ARG A 472 27.93 3.27 16.07
CA ARG A 472 27.01 2.58 15.18
C ARG A 472 25.85 3.49 14.80
N PHE A 473 26.08 4.36 13.83
CA PHE A 473 25.15 5.43 13.58
C PHE A 473 23.99 4.99 12.68
N ALA A 474 24.09 3.82 12.07
CA ALA A 474 23.17 3.47 10.99
C ALA A 474 22.23 2.36 11.47
N ILE A 475 21.15 2.11 10.73
CA ILE A 475 20.34 0.91 10.96
C ILE A 475 21.06 -0.31 10.38
N GLY A 476 21.51 -1.20 11.25
CA GLY A 476 22.17 -2.43 10.81
C GLY A 476 23.66 -2.22 10.51
N GLY A 477 24.31 -3.24 9.99
CA GLY A 477 25.77 -3.21 9.77
C GLY A 477 26.56 -4.08 10.74
N SER A 478 27.60 -4.74 10.22
CA SER A 478 28.52 -5.57 10.98
C SER A 478 29.65 -4.67 11.49
N ASP A 479 30.57 -5.26 12.27
CA ASP A 479 31.75 -4.53 12.70
C ASP A 479 32.58 -4.10 11.51
N ALA A 480 32.73 -4.99 10.54
CA ALA A 480 33.60 -4.74 9.40
C ALA A 480 33.03 -3.59 8.60
N ASP A 481 31.69 -3.55 8.49
CA ASP A 481 30.99 -2.52 7.69
C ASP A 481 31.28 -1.13 8.31
N TYR A 482 31.18 -1.05 9.64
CA TYR A 482 31.40 0.21 10.32
C TYR A 482 32.85 0.68 10.21
N GLN A 483 33.80 -0.26 10.27
CA GLN A 483 35.20 0.08 10.06
C GLN A 483 35.38 0.71 8.68
N ASN A 484 34.83 0.06 7.67
CA ASN A 484 34.88 0.59 6.31
C ASN A 484 34.18 1.95 6.25
N ALA A 485 33.03 2.08 6.89
CA ALA A 485 32.28 3.34 6.84
C ALA A 485 33.00 4.50 7.55
N TRP A 486 33.52 4.21 8.74
CA TRP A 486 34.22 5.25 9.50
C TRP A 486 35.53 5.69 8.86
N SER A 487 36.25 4.76 8.25
CA SER A 487 37.42 5.10 7.43
C SER A 487 37.08 6.24 6.52
N SER A 488 35.91 6.11 5.92
CA SER A 488 35.54 6.92 4.80
C SER A 488 35.10 8.30 5.31
N ILE A 489 34.32 8.32 6.40
CA ILE A 489 33.94 9.56 7.06
C ILE A 489 35.16 10.32 7.62
N VAL A 490 36.00 9.62 8.39
CA VAL A 490 37.23 10.18 8.92
C VAL A 490 38.14 10.69 7.79
N GLY A 491 38.14 9.97 6.67
CA GLY A 491 38.73 10.46 5.42
C GLY A 491 38.31 11.89 5.05
N SER A 492 37.04 12.20 5.26
CA SER A 492 36.47 13.51 4.93
C SER A 492 36.77 14.63 5.93
N LEU A 493 37.14 14.33 7.05
CA LEU A 493 37.41 15.45 7.95
C LEU A 493 38.85 15.95 7.80
O6 E08 B . 14.34 -7.45 -4.85
C5 E08 B . 13.32 -7.29 -5.55
N4 E08 B . 12.21 -6.67 -5.15
C3 E08 B . 11.92 -6.06 -3.84
B E08 B . 10.68 -5.20 -3.98
O2 E08 B . 11.15 -4.01 -4.83
O1 E08 B . 9.63 -5.93 -4.83
C16 E08 B . 11.88 -7.07 -2.67
C7 E08 B . 13.35 -7.72 -6.98
C14 E08 B . 12.88 -9.01 -7.33
C8 E08 B . 13.84 -6.83 -7.95
C9 E08 B . 14.31 -5.45 -7.56
C18 E08 B . 13.12 -4.47 -7.46
C17 E08 B . 15.39 -4.93 -8.51
C11 E08 B . 13.92 -7.23 -9.29
C12 E08 B . 13.47 -8.50 -9.65
C13 E08 B . 12.97 -9.39 -8.67
CL CL C . 6.07 -13.20 16.71
CL CL D . 4.51 -8.37 16.29
CL CL E . 8.08 14.08 -11.27
CL CL F . -40.31 -4.21 2.90
CL CL G . -4.53 -9.48 4.67
CL CL H . -18.53 -3.75 2.03
CL CL I . -17.15 -4.45 -13.70
CL CL J . -0.96 12.16 15.76
CL CL K . -22.50 7.36 -9.07
CL CL L . -1.82 -18.01 -16.03
CL CL M . -16.51 -11.13 -9.25
CL CL N . -37.34 -15.36 6.48
NA NA O . 10.09 -2.56 -6.80
CL CL P . 11.26 7.34 -17.35
CL CL Q . 16.67 -16.69 0.97
#